data_8G2T
#
_entry.id   8G2T
#
_cell.length_a   50.795
_cell.length_b   66.227
_cell.length_c   72.977
_cell.angle_alpha   90.00
_cell.angle_beta   90.00
_cell.angle_gamma   90.00
#
_symmetry.space_group_name_H-M   'P 21 21 21'
#
loop_
_entity.id
_entity.type
_entity.pdbx_description
1 polymer 'Carbapenem-hydrolyzing beta-lactamase KPC'
2 non-polymer (2S,5R)-5-amino-1-formyl-5-hydroxy-N-(piperidin-4-yl)piperidine-2-carboxamide
3 non-polymer 'PHOSPHATE ION'
4 water water
#
_entity_poly.entity_id   1
_entity_poly.type   'polypeptide(L)'
_entity_poly.pdbx_seq_one_letter_code
;ALTNLVAEPFAKLEQDFGGSIGVYAMDTGSGATVSYRAEERFPLCSSFKGFLAAAVLARSQQQAGLLDTPIRYGKNALVP
WSPISEKYLTTGMTVAELSAAAVQYSDNAAANLLLKELGGPAGLTAFMRSIGDTTFRLDRWELELNSAIPGDARNTSSPR
AVTESLQKLTLGSALAAPQRQQFVDWLKGNTTGNHRIRAAVPADWAVGDKTGTCGVYGTANDYAVVWPTGRAPIVLAVYT
RAPNKDDKHSEAVIAAAARLALEGLG
;
_entity_poly.pdbx_strand_id   A
#
loop_
_chem_comp.id
_chem_comp.type
_chem_comp.name
_chem_comp.formula
PO4 non-polymer 'PHOSPHATE ION' 'O4 P -3'
YOZ non-polymer (2S,5R)-5-amino-1-formyl-5-hydroxy-N-(piperidin-4-yl)piperidine-2-carboxamide 'C12 H22 N4 O3'
#
# COMPACT_ATOMS: atom_id res chain seq x y z
N ASN A 4 -10.13 -27.20 -1.49
CA ASN A 4 -9.87 -26.20 -0.42
C ASN A 4 -11.19 -25.48 -0.12
N LEU A 5 -11.90 -25.91 0.93
CA LEU A 5 -13.23 -25.37 1.29
C LEU A 5 -13.10 -23.91 1.73
N VAL A 6 -12.01 -23.55 2.40
CA VAL A 6 -11.74 -22.16 2.86
C VAL A 6 -11.71 -21.27 1.63
N ALA A 7 -11.12 -21.76 0.54
CA ALA A 7 -10.88 -20.96 -0.68
C ALA A 7 -12.16 -20.76 -1.48
N GLU A 8 -13.18 -21.61 -1.36
CA GLU A 8 -14.34 -21.60 -2.30
C GLU A 8 -14.99 -20.22 -2.37
N PRO A 9 -15.27 -19.52 -1.25
CA PRO A 9 -15.91 -18.20 -1.38
C PRO A 9 -15.06 -17.15 -2.12
N PHE A 10 -13.73 -17.25 -2.00
CA PHE A 10 -12.81 -16.34 -2.73
C PHE A 10 -12.88 -16.65 -4.23
N ALA A 11 -12.90 -17.94 -4.58
CA ALA A 11 -12.99 -18.33 -6.01
C ALA A 11 -14.32 -17.85 -6.58
N LYS A 12 -15.42 -18.00 -5.84
CA LYS A 12 -16.73 -17.52 -6.32
C LYS A 12 -16.68 -16.00 -6.50
N LEU A 13 -16.09 -15.30 -5.54
CA LEU A 13 -16.02 -13.82 -5.58
C LEU A 13 -15.24 -13.38 -6.83
N GLU A 14 -14.09 -13.98 -7.09
CA GLU A 14 -13.26 -13.52 -8.23
C GLU A 14 -13.94 -13.92 -9.54
N GLN A 15 -14.66 -15.04 -9.56
CA GLN A 15 -15.38 -15.49 -10.79
C GLN A 15 -16.51 -14.49 -11.09
N ASP A 16 -17.29 -14.09 -10.08
CA ASP A 16 -18.36 -13.08 -10.23
C ASP A 16 -17.76 -11.75 -10.71
N PHE A 17 -16.60 -11.39 -10.17
CA PHE A 17 -15.86 -10.14 -10.49
C PHE A 17 -15.33 -10.19 -11.92
N GLY A 18 -15.01 -11.38 -12.45
CA GLY A 18 -14.46 -11.54 -13.81
C GLY A 18 -12.95 -11.46 -13.84
N GLY A 19 -12.27 -11.80 -12.75
CA GLY A 19 -10.81 -11.71 -12.70
C GLY A 19 -10.23 -12.57 -11.61
N SER A 20 -9.16 -12.05 -11.01
CA SER A 20 -8.37 -12.74 -9.97
C SER A 20 -8.30 -11.85 -8.75
N ILE A 21 -8.45 -12.44 -7.58
CA ILE A 21 -8.29 -11.73 -6.29
C ILE A 21 -7.19 -12.45 -5.51
N GLY A 22 -6.28 -11.68 -4.92
CA GLY A 22 -5.20 -12.19 -4.07
C GLY A 22 -5.36 -11.63 -2.69
N VAL A 23 -5.31 -12.50 -1.70
CA VAL A 23 -5.56 -12.14 -0.29
C VAL A 23 -4.52 -12.82 0.58
N TYR A 24 -3.94 -12.07 1.51
N TYR A 24 -3.97 -12.07 1.53
CA TYR A 24 -3.19 -12.65 2.64
CA TYR A 24 -3.21 -12.68 2.64
C TYR A 24 -3.62 -11.87 3.89
C TYR A 24 -3.51 -11.89 3.90
N ALA A 25 -3.88 -12.60 4.98
CA ALA A 25 -4.19 -11.98 6.28
C ALA A 25 -3.45 -12.77 7.36
N MET A 26 -2.84 -12.05 8.28
CA MET A 26 -2.15 -12.69 9.44
CA MET A 26 -2.09 -12.62 9.43
C MET A 26 -2.66 -12.05 10.72
N ASP A 27 -3.11 -12.92 11.64
CA ASP A 27 -3.45 -12.49 13.02
C ASP A 27 -2.13 -12.55 13.78
N THR A 28 -1.60 -11.42 14.22
CA THR A 28 -0.29 -11.37 14.94
C THR A 28 -0.48 -11.89 16.38
N GLY A 29 -1.71 -12.09 16.84
CA GLY A 29 -2.01 -12.66 18.18
C GLY A 29 -1.95 -14.18 18.20
N SER A 30 -2.59 -14.84 17.23
CA SER A 30 -2.65 -16.33 17.11
C SER A 30 -1.46 -16.86 16.29
N GLY A 31 -1.12 -16.10 15.21
CA GLY A 31 -0.25 -16.59 14.12
C GLY A 31 -1.09 -17.18 12.99
N ALA A 32 -2.42 -17.15 13.14
CA ALA A 32 -3.38 -17.68 12.15
C ALA A 32 -3.31 -16.86 10.86
N THR A 33 -3.53 -17.53 9.74
CA THR A 33 -3.50 -16.87 8.43
C THR A 33 -4.69 -17.31 7.58
N VAL A 34 -5.02 -16.44 6.64
CA VAL A 34 -5.90 -16.75 5.49
C VAL A 34 -5.14 -16.38 4.21
N SER A 35 -5.19 -17.30 3.18
CA SER A 35 -4.36 -17.13 1.98
C SER A 35 -5.23 -17.49 0.79
N TYR A 36 -5.26 -16.63 -0.23
CA TYR A 36 -5.91 -16.98 -1.52
C TYR A 36 -5.09 -16.30 -2.61
N ARG A 37 -4.47 -17.11 -3.47
CA ARG A 37 -3.54 -16.60 -4.52
C ARG A 37 -2.52 -15.68 -3.87
N ALA A 38 -2.09 -16.01 -2.65
CA ALA A 38 -1.36 -15.03 -1.82
C ALA A 38 0.03 -14.75 -2.39
N GLU A 39 0.60 -15.66 -3.19
CA GLU A 39 1.99 -15.49 -3.67
C GLU A 39 1.99 -15.16 -5.16
N GLU A 40 0.83 -14.91 -5.76
CA GLU A 40 0.76 -14.39 -7.14
C GLU A 40 1.08 -12.90 -7.16
N ARG A 41 1.64 -12.45 -8.28
CA ARG A 41 1.94 -11.02 -8.49
C ARG A 41 0.71 -10.27 -8.95
N PHE A 42 0.56 -9.08 -8.41
CA PHE A 42 -0.48 -8.09 -8.79
C PHE A 42 0.18 -6.73 -8.88
N PRO A 43 -0.30 -5.85 -9.78
CA PRO A 43 0.24 -4.50 -9.85
C PRO A 43 0.09 -3.73 -8.54
N LEU A 44 1.14 -3.01 -8.18
CA LEU A 44 1.17 -2.17 -6.96
C LEU A 44 0.26 -0.95 -7.15
N CYS A 45 0.29 -0.32 -8.32
CA CYS A 45 -0.41 0.98 -8.51
C CYS A 45 0.06 1.93 -7.40
N SER A 46 -0.80 2.80 -6.87
CA SER A 46 -0.37 3.83 -5.89
C SER A 46 0.05 3.19 -4.57
N SER A 47 -0.18 1.88 -4.38
CA SER A 47 0.06 1.27 -3.05
C SER A 47 1.56 1.28 -2.73
N PHE A 48 2.43 1.49 -3.72
CA PHE A 48 3.89 1.60 -3.43
C PHE A 48 4.14 2.77 -2.48
N LYS A 49 3.26 3.77 -2.44
CA LYS A 49 3.54 5.03 -1.70
C LYS A 49 3.65 4.78 -0.19
N GLY A 50 2.95 3.78 0.34
CA GLY A 50 3.12 3.45 1.77
C GLY A 50 4.53 2.99 2.06
N PHE A 51 5.03 2.06 1.27
CA PHE A 51 6.41 1.55 1.42
C PHE A 51 7.43 2.66 1.17
N LEU A 52 7.13 3.55 0.21
CA LEU A 52 7.97 4.74 -0.05
C LEU A 52 8.14 5.56 1.23
N ALA A 53 7.05 5.87 1.90
CA ALA A 53 7.09 6.67 3.15
C ALA A 53 7.92 5.93 4.21
N ALA A 54 7.78 4.61 4.32
CA ALA A 54 8.55 3.79 5.28
C ALA A 54 10.05 3.87 4.94
N ALA A 55 10.40 3.81 3.66
CA ALA A 55 11.82 3.86 3.22
C ALA A 55 12.41 5.23 3.60
N VAL A 56 11.63 6.28 3.42
CA VAL A 56 12.07 7.66 3.80
C VAL A 56 12.25 7.71 5.32
N LEU A 57 11.32 7.14 6.08
CA LEU A 57 11.50 7.13 7.55
C LEU A 57 12.77 6.38 7.92
N ALA A 58 13.08 5.26 7.26
CA ALA A 58 14.31 4.49 7.56
C ALA A 58 15.52 5.38 7.34
N ARG A 59 15.57 6.10 6.20
CA ARG A 59 16.70 7.00 5.90
C ARG A 59 16.79 8.10 6.96
N SER A 60 15.64 8.57 7.46
CA SER A 60 15.55 9.70 8.39
C SER A 60 16.16 9.35 9.75
N GLN A 61 16.35 8.06 10.04
CA GLN A 61 16.94 7.61 11.33
C GLN A 61 18.40 8.04 11.45
N GLN A 62 19.17 7.99 10.36
CA GLN A 62 20.63 8.30 10.40
C GLN A 62 20.94 9.64 9.73
N GLN A 63 20.01 10.21 8.96
CA GLN A 63 20.20 11.54 8.31
C GLN A 63 19.49 12.57 9.17
N ALA A 64 20.22 13.24 10.06
CA ALA A 64 19.63 14.09 11.11
C ALA A 64 18.85 15.23 10.44
N GLY A 65 17.58 15.38 10.83
CA GLY A 65 16.71 16.45 10.32
C GLY A 65 16.18 16.18 8.93
N LEU A 66 16.38 14.98 8.36
CA LEU A 66 15.86 14.72 6.99
C LEU A 66 14.35 14.97 6.97
N LEU A 67 13.60 14.44 7.92
CA LEU A 67 12.12 14.52 7.83
C LEU A 67 11.68 15.98 7.97
N ASP A 68 12.49 16.80 8.64
CA ASP A 68 12.19 18.23 8.89
C ASP A 68 12.63 19.12 7.72
N THR A 69 13.28 18.55 6.71
CA THR A 69 13.92 19.35 5.63
C THR A 69 12.84 19.91 4.71
N PRO A 70 12.78 21.25 4.52
CA PRO A 70 11.93 21.82 3.49
C PRO A 70 12.44 21.49 2.09
N ILE A 71 11.56 20.97 1.24
CA ILE A 71 11.83 20.72 -0.20
C ILE A 71 11.16 21.85 -0.96
N ARG A 72 11.97 22.67 -1.65
CA ARG A 72 11.50 23.87 -2.37
C ARG A 72 11.41 23.54 -3.87
N TYR A 73 10.33 22.90 -4.27
CA TYR A 73 10.14 22.38 -5.64
C TYR A 73 9.47 23.44 -6.53
N GLY A 74 9.60 23.27 -7.84
CA GLY A 74 8.98 24.13 -8.85
C GLY A 74 7.80 23.43 -9.51
N LYS A 75 7.13 24.13 -10.43
CA LYS A 75 5.97 23.59 -11.20
C LYS A 75 6.36 22.33 -11.97
N ASN A 76 7.62 22.25 -12.41
CA ASN A 76 8.17 21.09 -13.18
C ASN A 76 7.98 19.80 -12.36
N ALA A 77 7.90 19.91 -11.03
CA ALA A 77 7.75 18.74 -10.15
C ALA A 77 6.28 18.29 -10.12
N LEU A 78 5.34 19.12 -10.53
CA LEU A 78 3.90 18.81 -10.39
C LEU A 78 3.48 17.81 -11.47
N VAL A 79 2.50 16.99 -11.10
N VAL A 79 2.53 16.96 -11.15
CA VAL A 79 1.95 15.78 -11.79
CA VAL A 79 1.91 16.04 -12.14
C VAL A 79 0.42 15.88 -11.66
C VAL A 79 0.46 15.90 -11.72
N PRO A 80 -0.41 15.37 -12.60
CA PRO A 80 -1.84 15.27 -12.29
C PRO A 80 -2.09 14.62 -10.92
N TRP A 81 -3.14 15.09 -10.25
CA TRP A 81 -3.54 14.61 -8.90
C TRP A 81 -2.37 14.81 -7.92
N SER A 82 -1.97 16.04 -7.75
CA SER A 82 -0.99 16.51 -6.73
C SER A 82 -1.64 17.65 -5.97
N PRO A 83 -2.83 17.42 -5.36
CA PRO A 83 -3.62 18.52 -4.79
C PRO A 83 -2.96 19.18 -3.58
N ILE A 84 -2.13 18.44 -2.84
CA ILE A 84 -1.41 19.03 -1.68
C ILE A 84 -0.20 19.81 -2.22
N SER A 85 0.63 19.18 -3.04
CA SER A 85 1.87 19.78 -3.61
CA SER A 85 1.88 19.86 -3.48
C SER A 85 1.56 21.07 -4.36
N GLU A 86 0.43 21.07 -5.07
CA GLU A 86 0.06 22.28 -5.86
C GLU A 86 -0.21 23.46 -4.91
N LYS A 87 -0.77 23.16 -3.73
CA LYS A 87 -1.25 24.18 -2.77
C LYS A 87 -0.05 24.84 -2.08
N TYR A 88 1.08 24.13 -1.93
CA TYR A 88 2.21 24.61 -1.11
C TYR A 88 3.42 24.97 -2.00
N LEU A 89 3.11 25.16 -3.31
CA LEU A 89 4.11 25.41 -4.37
C LEU A 89 4.97 26.65 -4.08
N THR A 90 4.47 27.61 -3.28
CA THR A 90 5.18 28.88 -2.92
C THR A 90 6.20 28.65 -1.81
N THR A 91 5.79 27.90 -0.78
CA THR A 91 6.50 27.81 0.52
C THR A 91 7.30 26.50 0.57
N GLY A 92 7.01 25.54 -0.30
CA GLY A 92 7.58 24.19 -0.21
C GLY A 92 6.92 23.34 0.86
N MET A 93 7.39 22.12 1.00
CA MET A 93 6.85 21.15 1.98
C MET A 93 8.04 20.42 2.60
N THR A 94 7.94 20.08 3.88
CA THR A 94 8.98 19.25 4.51
C THR A 94 8.85 17.82 3.97
N VAL A 95 9.91 17.06 4.13
CA VAL A 95 9.90 15.62 3.76
C VAL A 95 8.75 14.93 4.52
N ALA A 96 8.51 15.27 5.80
CA ALA A 96 7.39 14.69 6.56
C ALA A 96 6.04 15.03 5.91
N GLU A 97 5.85 16.29 5.51
CA GLU A 97 4.58 16.74 4.88
C GLU A 97 4.40 16.04 3.52
N LEU A 98 5.47 15.89 2.74
CA LEU A 98 5.40 15.19 1.44
C LEU A 98 5.00 13.74 1.69
N SER A 99 5.55 13.10 2.73
CA SER A 99 5.25 11.69 3.05
C SER A 99 3.77 11.56 3.40
N ALA A 100 3.25 12.44 4.24
CA ALA A 100 1.82 12.41 4.62
C ALA A 100 0.95 12.60 3.39
N ALA A 101 1.30 13.52 2.49
CA ALA A 101 0.51 13.77 1.26
C ALA A 101 0.52 12.53 0.35
N ALA A 102 1.68 11.93 0.14
CA ALA A 102 1.81 10.72 -0.72
C ALA A 102 0.97 9.58 -0.13
N VAL A 103 1.02 9.39 1.18
CA VAL A 103 0.31 8.25 1.82
C VAL A 103 -1.20 8.54 1.86
N GLN A 104 -1.59 9.73 2.29
CA GLN A 104 -2.98 9.98 2.73
C GLN A 104 -3.84 10.50 1.58
N TYR A 105 -3.24 11.12 0.57
CA TYR A 105 -3.97 11.67 -0.59
C TYR A 105 -3.46 11.07 -1.89
N SER A 106 -2.43 10.23 -1.86
CA SER A 106 -1.81 9.64 -3.07
C SER A 106 -1.23 10.76 -3.95
N ASP A 107 -0.80 11.85 -3.34
CA ASP A 107 -0.25 13.02 -4.08
C ASP A 107 0.93 12.54 -4.93
N ASN A 108 0.84 12.70 -6.25
CA ASN A 108 1.85 12.11 -7.17
C ASN A 108 3.16 12.91 -7.13
N ALA A 109 3.09 14.23 -7.16
CA ALA A 109 4.31 15.07 -7.12
C ALA A 109 5.08 14.75 -5.82
N ALA A 110 4.36 14.64 -4.71
CA ALA A 110 5.00 14.34 -3.41
C ALA A 110 5.68 12.97 -3.50
N ALA A 111 4.99 11.97 -4.05
CA ALA A 111 5.57 10.62 -4.19
C ALA A 111 6.85 10.71 -5.04
N ASN A 112 6.84 11.47 -6.13
CA ASN A 112 8.01 11.53 -7.03
C ASN A 112 9.17 12.28 -6.34
N LEU A 113 8.88 13.32 -5.57
CA LEU A 113 9.95 14.05 -4.83
C LEU A 113 10.60 13.11 -3.82
N LEU A 114 9.80 12.28 -3.16
CA LEU A 114 10.35 11.33 -2.15
C LEU A 114 11.14 10.24 -2.87
N LEU A 115 10.66 9.75 -4.01
CA LEU A 115 11.43 8.76 -4.79
C LEU A 115 12.82 9.35 -5.10
N LYS A 116 12.88 10.63 -5.44
CA LYS A 116 14.18 11.29 -5.77
C LYS A 116 15.10 11.21 -4.53
N GLU A 117 14.54 11.42 -3.33
CA GLU A 117 15.30 11.34 -2.05
C GLU A 117 15.97 9.97 -1.92
N LEU A 118 15.34 8.90 -2.43
CA LEU A 118 15.82 7.50 -2.26
C LEU A 118 16.72 7.02 -3.39
N GLY A 119 16.91 7.78 -4.45
CA GLY A 119 17.59 7.26 -5.66
C GLY A 119 16.61 6.51 -6.56
N GLY A 120 15.37 7.00 -6.61
CA GLY A 120 14.38 6.59 -7.60
C GLY A 120 13.74 5.27 -7.24
N PRO A 121 12.90 4.72 -8.13
CA PRO A 121 12.27 3.42 -7.91
C PRO A 121 13.25 2.31 -7.51
N ALA A 122 14.44 2.30 -8.10
CA ALA A 122 15.50 1.31 -7.76
C ALA A 122 15.87 1.44 -6.29
N GLY A 123 15.91 2.67 -5.76
CA GLY A 123 16.22 2.88 -4.33
C GLY A 123 15.14 2.33 -3.42
N LEU A 124 13.88 2.50 -3.80
CA LEU A 124 12.79 1.92 -3.00
C LEU A 124 12.87 0.39 -3.07
N THR A 125 13.09 -0.16 -4.26
CA THR A 125 13.20 -1.63 -4.41
C THR A 125 14.34 -2.11 -3.49
N ALA A 126 15.47 -1.41 -3.48
CA ALA A 126 16.62 -1.81 -2.65
C ALA A 126 16.25 -1.76 -1.17
N PHE A 127 15.48 -0.78 -0.74
CA PHE A 127 15.02 -0.73 0.67
C PHE A 127 14.18 -1.97 0.98
N MET A 128 13.26 -2.34 0.07
CA MET A 128 12.39 -3.51 0.31
C MET A 128 13.26 -4.78 0.38
N ARG A 129 14.29 -4.89 -0.46
CA ARG A 129 15.21 -6.06 -0.38
C ARG A 129 15.88 -6.05 1.01
N SER A 130 16.23 -4.87 1.53
CA SER A 130 16.99 -4.75 2.80
C SER A 130 16.17 -5.24 3.99
N ILE A 131 14.84 -5.27 3.89
CA ILE A 131 13.97 -5.77 5.00
C ILE A 131 13.54 -7.22 4.73
N GLY A 132 14.06 -7.83 3.67
CA GLY A 132 13.83 -9.27 3.37
C GLY A 132 12.71 -9.50 2.38
N ASP A 133 12.25 -8.47 1.68
CA ASP A 133 11.18 -8.63 0.67
C ASP A 133 11.83 -8.86 -0.69
N THR A 134 11.72 -10.07 -1.25
CA THR A 134 12.36 -10.42 -2.54
C THR A 134 11.35 -10.28 -3.69
N THR A 135 10.08 -9.99 -3.40
CA THR A 135 8.99 -9.99 -4.40
C THR A 135 8.77 -8.58 -4.95
N PHE A 136 8.77 -7.57 -4.08
CA PHE A 136 8.47 -6.18 -4.46
C PHE A 136 9.34 -5.73 -5.63
N ARG A 137 8.74 -5.16 -6.67
CA ARG A 137 9.47 -4.58 -7.82
C ARG A 137 8.83 -3.25 -8.16
N LEU A 138 9.62 -2.17 -8.22
CA LEU A 138 9.15 -0.87 -8.75
C LEU A 138 10.24 -0.30 -9.65
N ASP A 139 9.89 0.13 -10.87
CA ASP A 139 10.91 0.66 -11.83
C ASP A 139 10.42 1.92 -12.55
N ARG A 140 9.31 2.52 -12.13
CA ARG A 140 8.81 3.78 -12.74
C ARG A 140 8.38 4.74 -11.64
N TRP A 141 8.31 6.00 -12.03
CA TRP A 141 7.77 7.11 -11.24
C TRP A 141 6.30 7.29 -11.62
N GLU A 142 5.51 8.03 -10.84
CA GLU A 142 4.13 8.37 -11.25
C GLU A 142 4.24 9.30 -12.47
N LEU A 143 3.38 9.14 -13.50
CA LEU A 143 2.24 8.24 -13.62
C LEU A 143 2.56 7.10 -14.58
N GLU A 144 3.77 6.52 -14.52
CA GLU A 144 4.26 5.58 -15.57
C GLU A 144 4.29 4.13 -15.08
N LEU A 145 3.83 3.84 -13.86
CA LEU A 145 3.90 2.47 -13.29
C LEU A 145 2.53 1.78 -13.32
N ASN A 146 1.55 2.31 -14.06
CA ASN A 146 0.12 1.95 -13.83
C ASN A 146 -0.50 1.20 -15.01
N SER A 147 0.28 0.71 -15.96
CA SER A 147 -0.27 0.04 -17.17
C SER A 147 -0.92 -1.31 -16.79
N ALA A 148 -0.46 -1.99 -15.73
CA ALA A 148 -1.13 -3.19 -15.16
C ALA A 148 -1.33 -4.26 -16.25
N ILE A 149 -0.37 -4.40 -17.15
CA ILE A 149 -0.53 -5.35 -18.29
CA ILE A 149 -0.49 -5.35 -18.30
C ILE A 149 -0.42 -6.77 -17.76
N PRO A 150 -1.40 -7.64 -18.08
CA PRO A 150 -1.35 -9.02 -17.61
C PRO A 150 -0.02 -9.68 -17.97
N GLY A 151 0.59 -10.34 -17.00
CA GLY A 151 1.84 -11.09 -17.20
C GLY A 151 3.10 -10.23 -17.10
N ASP A 152 2.94 -8.91 -16.92
CA ASP A 152 4.09 -7.98 -16.74
C ASP A 152 4.43 -7.96 -15.25
N ALA A 153 5.59 -8.50 -14.87
CA ALA A 153 6.01 -8.56 -13.46
C ALA A 153 6.55 -7.21 -12.98
N ARG A 154 6.79 -6.26 -13.88
CA ARG A 154 7.24 -4.92 -13.45
C ARG A 154 6.18 -4.26 -12.58
N ASN A 155 6.61 -3.56 -11.52
CA ASN A 155 5.70 -2.72 -10.70
C ASN A 155 4.63 -3.60 -10.05
N THR A 156 5.05 -4.77 -9.55
CA THR A 156 4.15 -5.73 -8.87
C THR A 156 4.73 -6.13 -7.51
N SER A 157 3.85 -6.66 -6.68
CA SER A 157 4.26 -7.50 -5.55
C SER A 157 3.18 -8.55 -5.36
N SER A 158 3.29 -9.33 -4.28
CA SER A 158 2.28 -10.35 -3.94
C SER A 158 1.57 -9.92 -2.68
N PRO A 159 0.30 -10.34 -2.48
CA PRO A 159 -0.39 -10.05 -1.22
C PRO A 159 0.40 -10.50 0.01
N ARG A 160 1.02 -11.67 -0.06
CA ARG A 160 1.80 -12.19 1.09
C ARG A 160 3.02 -11.29 1.34
N ALA A 161 3.79 -10.94 0.32
CA ALA A 161 5.00 -10.12 0.52
C ALA A 161 4.61 -8.74 1.04
N VAL A 162 3.53 -8.18 0.50
CA VAL A 162 3.03 -6.86 0.98
C VAL A 162 2.69 -6.95 2.48
N THR A 163 1.96 -8.00 2.87
CA THR A 163 1.52 -8.17 4.27
C THR A 163 2.75 -8.35 5.17
N GLU A 164 3.70 -9.19 4.76
CA GLU A 164 4.90 -9.48 5.57
C GLU A 164 5.71 -8.20 5.73
N SER A 165 5.89 -7.43 4.66
CA SER A 165 6.65 -6.17 4.73
C SER A 165 5.90 -5.15 5.59
N LEU A 166 4.59 -5.05 5.42
CA LEU A 166 3.79 -4.10 6.22
C LEU A 166 3.94 -4.44 7.70
N GLN A 167 3.90 -5.73 8.04
CA GLN A 167 4.02 -6.16 9.46
C GLN A 167 5.40 -5.73 9.98
N LYS A 168 6.45 -6.00 9.21
CA LYS A 168 7.84 -5.67 9.66
C LYS A 168 7.94 -4.17 9.96
N LEU A 169 7.34 -3.35 9.12
CA LEU A 169 7.50 -1.87 9.21
C LEU A 169 6.58 -1.26 10.27
N THR A 170 5.37 -1.79 10.45
CA THR A 170 4.37 -1.16 11.36
C THR A 170 4.41 -1.76 12.77
N LEU A 171 4.83 -3.02 12.90
CA LEU A 171 4.72 -3.76 14.18
C LEU A 171 6.08 -4.32 14.59
N GLY A 172 6.87 -4.78 13.63
CA GLY A 172 8.19 -5.40 13.86
C GLY A 172 9.28 -4.36 14.06
N SER A 173 10.51 -4.74 13.75
CA SER A 173 11.72 -3.96 14.12
C SER A 173 12.39 -3.36 12.89
N ALA A 174 11.75 -3.38 11.72
CA ALA A 174 12.39 -2.87 10.49
C ALA A 174 12.64 -1.36 10.61
N LEU A 175 11.79 -0.64 11.34
CA LEU A 175 12.01 0.80 11.66
C LEU A 175 12.25 0.92 13.17
N ALA A 176 13.02 1.91 13.58
CA ALA A 176 13.13 2.28 15.01
C ALA A 176 11.76 2.77 15.49
N ALA A 177 11.47 2.68 16.78
CA ALA A 177 10.10 2.91 17.29
C ALA A 177 9.56 4.28 16.88
N PRO A 178 10.31 5.41 17.00
CA PRO A 178 9.71 6.70 16.66
C PRO A 178 9.31 6.79 15.18
N GLN A 179 10.02 6.06 14.33
CA GLN A 179 9.74 6.01 12.89
C GLN A 179 8.57 5.06 12.61
N ARG A 180 8.56 3.90 13.25
CA ARG A 180 7.42 2.96 13.16
C ARG A 180 6.12 3.70 13.53
N GLN A 181 6.14 4.46 14.61
CA GLN A 181 4.94 5.17 15.11
C GLN A 181 4.47 6.20 14.07
N GLN A 182 5.39 6.91 13.44
CA GLN A 182 5.04 7.92 12.42
C GLN A 182 4.40 7.21 11.22
N PHE A 183 4.93 6.06 10.83
CA PHE A 183 4.39 5.31 9.67
C PHE A 183 2.96 4.89 9.98
N VAL A 184 2.75 4.31 11.15
CA VAL A 184 1.39 3.91 11.60
C VAL A 184 0.44 5.10 11.57
N ASP A 185 0.85 6.25 12.10
CA ASP A 185 -0.06 7.42 12.14
C ASP A 185 -0.36 7.91 10.71
N TRP A 186 0.61 7.87 9.80
CA TRP A 186 0.31 8.25 8.40
C TRP A 186 -0.76 7.32 7.82
N LEU A 187 -0.59 6.01 7.99
CA LEU A 187 -1.54 5.04 7.43
C LEU A 187 -2.93 5.26 8.07
N LYS A 188 -2.99 5.49 9.38
CA LYS A 188 -4.29 5.70 10.05
C LYS A 188 -5.02 6.91 9.47
N GLY A 189 -4.29 7.91 8.99
CA GLY A 189 -4.90 9.13 8.42
C GLY A 189 -5.17 9.04 6.93
N ASN A 190 -5.03 7.87 6.30
CA ASN A 190 -5.32 7.75 4.86
C ASN A 190 -6.77 8.16 4.62
N THR A 191 -7.01 8.91 3.54
CA THR A 191 -8.35 9.41 3.16
C THR A 191 -8.97 8.61 2.01
N THR A 192 -8.22 7.72 1.34
CA THR A 192 -8.66 7.13 0.04
C THR A 192 -9.23 5.72 0.19
N GLY A 193 -9.27 5.15 1.39
CA GLY A 193 -9.59 3.73 1.58
C GLY A 193 -10.89 3.46 2.30
N ASN A 194 -11.83 4.40 2.35
CA ASN A 194 -13.03 4.23 3.19
C ASN A 194 -13.93 3.11 2.66
N HIS A 195 -13.82 2.76 1.38
CA HIS A 195 -14.71 1.77 0.74
C HIS A 195 -14.01 0.42 0.54
N ARG A 196 -12.82 0.24 1.12
CA ARG A 196 -12.04 -1.00 0.90
C ARG A 196 -11.93 -1.73 2.25
N ILE A 197 -10.73 -1.98 2.74
CA ILE A 197 -10.61 -2.78 4.01
C ILE A 197 -11.38 -2.09 5.13
N ARG A 198 -11.35 -0.76 5.22
CA ARG A 198 -12.09 -0.03 6.27
C ARG A 198 -13.58 -0.39 6.25
N ALA A 199 -14.18 -0.69 5.10
CA ALA A 199 -15.62 -1.02 5.00
C ALA A 199 -15.89 -2.43 5.51
N ALA A 200 -14.85 -3.25 5.66
CA ALA A 200 -14.97 -4.66 6.06
C ALA A 200 -14.83 -4.82 7.58
N VAL A 201 -14.26 -3.86 8.28
CA VAL A 201 -13.92 -4.04 9.72
C VAL A 201 -15.01 -3.42 10.57
N PRO A 202 -15.26 -3.99 11.75
CA PRO A 202 -16.14 -3.34 12.73
C PRO A 202 -15.72 -1.89 12.98
N ALA A 203 -16.69 -0.99 13.16
CA ALA A 203 -16.44 0.47 13.20
C ALA A 203 -15.56 0.84 14.40
N ASP A 204 -15.53 0.01 15.46
CA ASP A 204 -14.74 0.23 16.70
C ASP A 204 -13.25 -0.02 16.49
N TRP A 205 -12.86 -0.73 15.43
CA TRP A 205 -11.45 -1.15 15.24
C TRP A 205 -10.67 -0.04 14.54
N ALA A 206 -9.48 0.29 15.03
CA ALA A 206 -8.59 1.24 14.34
C ALA A 206 -8.01 0.58 13.08
N VAL A 207 -7.83 1.38 12.03
CA VAL A 207 -7.28 0.89 10.74
C VAL A 207 -6.27 1.92 10.23
N GLY A 208 -5.14 1.43 9.75
CA GLY A 208 -4.26 2.20 8.86
C GLY A 208 -4.15 1.47 7.54
N ASP A 209 -4.20 2.20 6.42
CA ASP A 209 -4.17 1.51 5.11
C ASP A 209 -3.55 2.40 4.04
N LYS A 210 -3.16 1.76 2.97
CA LYS A 210 -2.86 2.46 1.71
C LYS A 210 -3.50 1.68 0.57
N THR A 211 -4.19 2.42 -0.29
CA THR A 211 -4.88 1.88 -1.49
C THR A 211 -3.98 2.01 -2.73
N GLY A 212 -4.32 1.26 -3.75
CA GLY A 212 -3.81 1.48 -5.10
C GLY A 212 -4.90 1.21 -6.10
N THR A 213 -4.93 1.98 -7.18
CA THR A 213 -5.99 1.85 -8.21
C THR A 213 -5.38 2.13 -9.58
N CYS A 214 -5.08 1.12 -10.37
CA CYS A 214 -4.66 1.29 -11.77
C CYS A 214 -5.91 1.42 -12.64
N GLY A 215 -7.02 0.80 -12.27
CA GLY A 215 -8.32 0.91 -12.96
C GLY A 215 -8.38 0.00 -14.17
N VAL A 216 -7.45 0.15 -15.09
CA VAL A 216 -7.33 -0.78 -16.25
C VAL A 216 -7.14 -2.21 -15.74
N TYR A 217 -7.58 -3.18 -16.53
CA TYR A 217 -7.38 -4.61 -16.22
C TYR A 217 -7.93 -4.91 -14.83
N GLY A 218 -9.07 -4.28 -14.48
CA GLY A 218 -9.75 -4.54 -13.20
C GLY A 218 -8.82 -4.44 -12.01
N THR A 219 -7.83 -3.54 -12.04
CA THR A 219 -6.69 -3.59 -11.09
C THR A 219 -6.85 -2.54 -9.98
N ALA A 220 -6.95 -3.02 -8.74
CA ALA A 220 -7.00 -2.14 -7.55
C ALA A 220 -6.67 -2.98 -6.32
N ASN A 221 -6.35 -2.32 -5.23
CA ASN A 221 -5.81 -3.05 -4.06
C ASN A 221 -5.93 -2.18 -2.82
N ASP A 222 -5.69 -2.82 -1.68
CA ASP A 222 -5.58 -2.13 -0.39
C ASP A 222 -4.78 -3.04 0.53
N TYR A 223 -3.95 -2.45 1.37
CA TYR A 223 -3.35 -3.21 2.49
C TYR A 223 -3.55 -2.40 3.75
N ALA A 224 -3.59 -3.12 4.88
CA ALA A 224 -3.95 -2.48 6.15
C ALA A 224 -3.34 -3.20 7.33
N VAL A 225 -3.10 -2.42 8.36
CA VAL A 225 -3.02 -2.94 9.74
C VAL A 225 -4.33 -2.58 10.42
N VAL A 226 -4.89 -3.55 11.13
CA VAL A 226 -6.21 -3.46 11.80
CA VAL A 226 -6.17 -3.33 11.83
C VAL A 226 -5.99 -3.76 13.29
N TRP A 227 -6.50 -2.93 14.18
CA TRP A 227 -6.38 -3.15 15.63
C TRP A 227 -7.74 -3.54 16.19
N PRO A 228 -8.06 -4.85 16.29
CA PRO A 228 -9.30 -5.24 16.93
C PRO A 228 -9.22 -4.91 18.43
N THR A 229 -10.58 -4.51 18.94
CA THR A 229 -10.67 -4.26 20.39
C THR A 229 -10.10 -5.45 21.19
N GLY A 230 -9.12 -5.19 22.04
CA GLY A 230 -8.63 -6.15 23.03
C GLY A 230 -7.76 -7.23 22.42
N ARG A 231 -7.29 -7.07 21.19
CA ARG A 231 -6.50 -8.15 20.56
C ARG A 231 -5.26 -7.58 19.91
N ALA A 232 -4.31 -8.47 19.62
CA ALA A 232 -3.14 -8.17 18.79
C ALA A 232 -3.63 -7.78 17.40
N PRO A 233 -2.89 -6.93 16.67
CA PRO A 233 -3.31 -6.49 15.35
C PRO A 233 -3.34 -7.61 14.31
N ILE A 234 -4.15 -7.36 13.28
CA ILE A 234 -4.22 -8.16 12.04
C ILE A 234 -3.59 -7.33 10.92
N VAL A 235 -2.78 -7.97 10.08
CA VAL A 235 -2.23 -7.29 8.88
C VAL A 235 -2.80 -8.03 7.68
N LEU A 236 -3.23 -7.29 6.66
CA LEU A 236 -3.79 -7.98 5.48
C LEU A 236 -3.64 -7.13 4.23
N ALA A 237 -3.70 -7.83 3.11
CA ALA A 237 -3.59 -7.22 1.78
C ALA A 237 -4.59 -7.90 0.88
N VAL A 238 -5.24 -7.09 0.03
CA VAL A 238 -6.21 -7.59 -0.97
C VAL A 238 -5.87 -6.88 -2.29
N TYR A 239 -5.53 -7.66 -3.31
CA TYR A 239 -5.15 -7.15 -4.66
C TYR A 239 -6.07 -7.79 -5.67
N THR A 240 -6.43 -7.05 -6.72
CA THR A 240 -7.26 -7.60 -7.82
C THR A 240 -6.64 -7.27 -9.17
N ARG A 241 -6.96 -8.10 -10.15
CA ARG A 241 -6.69 -7.82 -11.57
C ARG A 241 -7.68 -8.64 -12.38
N ALA A 242 -7.70 -8.39 -13.69
CA ALA A 242 -8.67 -9.03 -14.61
C ALA A 242 -8.05 -8.99 -15.99
N PRO A 243 -8.48 -9.87 -16.92
CA PRO A 243 -7.75 -10.08 -18.16
C PRO A 243 -7.92 -9.01 -19.26
N ASN A 244 -8.97 -8.20 -19.22
CA ASN A 244 -9.26 -7.23 -20.32
C ASN A 244 -8.93 -5.82 -19.83
N LYS A 245 -8.38 -4.99 -20.72
CA LYS A 245 -7.94 -3.63 -20.33
C LYS A 245 -9.14 -2.85 -19.79
N ASP A 246 -10.32 -3.03 -20.38
CA ASP A 246 -11.52 -2.25 -19.97
C ASP A 246 -12.30 -2.92 -18.83
N ASP A 247 -11.85 -4.05 -18.28
CA ASP A 247 -12.46 -4.64 -17.06
C ASP A 247 -12.36 -3.60 -15.94
N LYS A 248 -13.45 -3.42 -15.20
CA LYS A 248 -13.56 -2.40 -14.15
C LYS A 248 -13.10 -2.99 -12.82
N HIS A 249 -12.32 -2.22 -12.10
CA HIS A 249 -12.01 -2.53 -10.69
C HIS A 249 -13.28 -2.38 -9.87
N SER A 250 -13.28 -2.96 -8.69
CA SER A 250 -14.43 -2.92 -7.76
C SER A 250 -13.93 -2.73 -6.34
N GLU A 251 -14.28 -1.62 -5.70
CA GLU A 251 -14.01 -1.44 -4.25
C GLU A 251 -14.84 -2.43 -3.45
N ALA A 252 -16.07 -2.72 -3.88
CA ALA A 252 -16.98 -3.64 -3.15
C ALA A 252 -16.33 -5.03 -3.08
N VAL A 253 -15.70 -5.46 -4.16
CA VAL A 253 -15.05 -6.80 -4.20
C VAL A 253 -13.87 -6.81 -3.23
N ILE A 254 -13.12 -5.73 -3.12
CA ILE A 254 -11.98 -5.66 -2.15
C ILE A 254 -12.55 -5.75 -0.73
N ALA A 255 -13.58 -4.99 -0.40
CA ALA A 255 -14.22 -5.04 0.93
C ALA A 255 -14.74 -6.47 1.21
N ALA A 256 -15.38 -7.10 0.23
CA ALA A 256 -15.97 -8.44 0.39
C ALA A 256 -14.84 -9.46 0.64
N ALA A 257 -13.72 -9.35 -0.06
CA ALA A 257 -12.59 -10.27 0.13
C ALA A 257 -11.98 -10.05 1.52
N ALA A 258 -11.91 -8.81 1.97
CA ALA A 258 -11.39 -8.47 3.31
C ALA A 258 -12.31 -9.09 4.38
N ARG A 259 -13.62 -9.03 4.20
CA ARG A 259 -14.55 -9.65 5.18
C ARG A 259 -14.28 -11.15 5.24
N LEU A 260 -14.16 -11.84 4.12
CA LEU A 260 -13.90 -13.30 4.12
C LEU A 260 -12.57 -13.57 4.82
N ALA A 261 -11.56 -12.73 4.63
CA ALA A 261 -10.25 -12.93 5.29
C ALA A 261 -10.43 -12.85 6.82
N LEU A 262 -11.13 -11.83 7.31
CA LEU A 262 -11.34 -11.67 8.76
C LEU A 262 -12.17 -12.85 9.28
N GLU A 263 -13.15 -13.32 8.52
CA GLU A 263 -14.04 -14.43 8.92
C GLU A 263 -13.25 -15.75 8.95
N GLY A 264 -12.24 -15.92 8.10
CA GLY A 264 -11.46 -17.17 8.03
C GLY A 264 -10.35 -17.26 9.07
N LEU A 265 -10.06 -16.18 9.79
CA LEU A 265 -8.93 -16.22 10.77
C LEU A 265 -9.27 -17.09 11.98
N GLY A 266 -8.32 -17.96 12.32
CA GLY A 266 -8.34 -18.77 13.54
C GLY A 266 -7.87 -17.97 14.73
N1 YOZ B . -4.93 5.77 -11.54
N1 YOZ B . -2.89 4.90 -10.84
C1 YOZ B . -3.82 6.01 -10.64
O1 YOZ B . -2.87 4.95 -10.77
O1 YOZ B . -4.96 5.86 -11.47
C2 YOZ B . -3.13 7.35 -10.94
C3 YOZ B . -2.06 7.69 -9.89
C4 YOZ B . -2.61 7.59 -8.47
C5 YOZ B . -3.52 8.77 -8.13
O2 YOZ B . -3.31 9.87 -8.64
N2 YOZ B . -4.54 8.59 -7.30
C6 YOZ B . -5.41 9.68 -6.88
C7 YOZ B . -6.23 9.32 -5.64
C8 YOZ B . -7.13 10.47 -5.22
N3 YOZ B . -8.00 10.87 -6.32
C9 YOZ B . -7.26 11.20 -7.55
C10 YOZ B . -6.36 10.07 -8.00
N4 YOZ B . -3.27 6.28 -8.28
C11 YOZ B . -2.90 5.34 -7.40
O3 YOZ B . -3.25 4.16 -7.42
C12 YOZ B . -4.36 6.03 -9.20
P PO4 C . -5.45 5.60 -4.91
O1 PO4 C . -5.72 4.13 -4.70
O2 PO4 C . -6.36 6.44 -4.00
O3 PO4 C . -4.00 5.91 -4.58
O4 PO4 C . -5.75 6.03 -6.35
#